data_4QBQ
#
_entry.id   4QBQ
#
_cell.length_a   41.557
_cell.length_b   56.424
_cell.length_c   57.301
_cell.angle_alpha   90.00
_cell.angle_beta   90.27
_cell.angle_gamma   90.00
#
_symmetry.space_group_name_H-M   'P 1 21 1'
#
loop_
_entity.id
_entity.type
_entity.pdbx_description
1 polymer 'DNA (cytosine-5)-methyltransferase 3A'
2 polymer 'Histone H3'
3 non-polymer 'ZINC ION'
4 water water
#
loop_
_entity_poly.entity_id
_entity_poly.type
_entity_poly.pdbx_seq_one_letter_code
_entity_poly.pdbx_strand_id
1 'polypeptide(L)'
;GPLGSLVYEVRQKCRNIEDICISCGSLNVTLEHPLFVGGMCQNCKNCFLECAYQYDDDGYQSYCTICCGGREVLMCGNNN
CCRCFCVECVDLLVGPGAAQAAIKEDPWNCYMCGHKGTYGLLRRREDWPSRLQMFFA
;
A,C
2 'polypeptide(L)' ARTKQTAR P
#
# COMPACT_ATOMS: atom_id res chain seq x y z
N GLY A 1 12.41 -1.92 5.07
CA GLY A 1 12.59 -3.37 4.96
C GLY A 1 13.63 -3.75 3.93
N PRO A 2 13.40 -4.87 3.24
CA PRO A 2 14.25 -5.41 2.17
C PRO A 2 14.65 -4.33 1.14
N LEU A 3 13.68 -3.73 0.48
CA LEU A 3 13.96 -2.69 -0.52
C LEU A 3 14.70 -1.51 0.10
N GLY A 4 14.16 -0.97 1.19
CA GLY A 4 14.77 0.17 1.86
C GLY A 4 16.22 -0.04 2.27
N SER A 5 16.57 -1.29 2.60
CA SER A 5 17.94 -1.63 3.00
C SER A 5 18.87 -1.63 1.80
N LEU A 6 18.44 -2.24 0.71
CA LEU A 6 19.31 -2.37 -0.45
C LEU A 6 19.54 -1.02 -1.12
N VAL A 7 18.53 -0.16 -1.05
CA VAL A 7 18.58 1.15 -1.65
C VAL A 7 19.58 2.06 -0.93
N TYR A 8 19.75 1.82 0.36
CA TYR A 8 20.77 2.48 1.15
C TYR A 8 22.18 2.10 0.67
N GLU A 9 22.41 0.80 0.49
CA GLU A 9 23.67 0.31 -0.06
C GLU A 9 23.95 0.88 -1.45
N VAL A 10 22.91 1.04 -2.27
CA VAL A 10 23.07 1.67 -3.59
C VAL A 10 23.56 3.10 -3.41
N ARG A 11 23.03 3.76 -2.39
CA ARG A 11 23.41 5.12 -2.06
C ARG A 11 24.84 5.18 -1.54
N GLN A 12 25.24 4.14 -0.80
CA GLN A 12 26.60 4.02 -0.29
C GLN A 12 27.54 3.43 -1.30
N LYS A 13 27.00 3.13 -2.48
CA LYS A 13 27.79 2.55 -3.55
C LYS A 13 28.38 1.19 -3.16
N CYS A 14 27.60 0.42 -2.39
CA CYS A 14 27.96 -0.97 -2.02
C CYS A 14 27.14 -1.97 -2.81
N ARG A 15 26.20 -1.45 -3.59
CA ARG A 15 25.36 -2.28 -4.41
C ARG A 15 25.09 -1.58 -5.73
N ASN A 16 24.98 -2.37 -6.78
CA ASN A 16 24.54 -1.89 -8.08
C ASN A 16 23.01 -2.04 -8.16
N ILE A 17 22.32 -0.97 -8.53
CA ILE A 17 20.86 -0.99 -8.53
C ILE A 17 20.30 -1.98 -9.56
N GLU A 18 21.14 -2.35 -10.54
CA GLU A 18 20.78 -3.35 -11.53
C GLU A 18 20.67 -4.73 -10.91
N ASP A 19 21.31 -4.91 -9.77
CA ASP A 19 21.35 -6.20 -9.10
C ASP A 19 20.23 -6.36 -8.07
N ILE A 20 19.38 -5.35 -7.94
CA ILE A 20 18.26 -5.48 -7.02
C ILE A 20 16.95 -5.29 -7.77
N CYS A 21 15.90 -5.88 -7.24
CA CYS A 21 14.60 -5.64 -7.79
C CYS A 21 14.00 -4.37 -7.14
N ILE A 22 13.66 -3.39 -7.97
CA ILE A 22 13.25 -2.08 -7.46
C ILE A 22 11.77 -1.98 -7.12
N SER A 23 11.05 -3.09 -7.28
CA SER A 23 9.65 -3.16 -6.87
C SER A 23 9.44 -3.85 -5.52
N CYS A 24 10.33 -4.78 -5.16
CA CYS A 24 10.19 -5.50 -3.88
C CYS A 24 11.52 -5.68 -3.14
N GLY A 25 12.63 -5.43 -3.82
CA GLY A 25 13.92 -5.47 -3.14
C GLY A 25 14.50 -6.85 -3.03
N SER A 26 13.96 -7.80 -3.79
CA SER A 26 14.49 -9.15 -3.77
C SER A 26 15.87 -9.14 -4.45
N LEU A 27 16.73 -10.07 -4.10
CA LEU A 27 18.06 -10.15 -4.74
C LEU A 27 18.00 -11.11 -5.92
N ASN A 28 16.83 -11.72 -6.09
CA ASN A 28 16.58 -12.73 -7.10
C ASN A 28 16.22 -12.10 -8.46
N VAL A 29 17.13 -11.29 -8.99
CA VAL A 29 16.86 -10.55 -10.22
C VAL A 29 16.79 -11.51 -11.41
N THR A 30 15.66 -11.50 -12.10
CA THR A 30 15.43 -12.37 -13.24
C THR A 30 15.66 -11.58 -14.52
N LEU A 31 15.34 -10.30 -14.47
CA LEU A 31 15.31 -9.49 -15.66
C LEU A 31 15.57 -8.02 -15.36
N GLU A 32 15.76 -7.25 -16.42
CA GLU A 32 15.96 -5.82 -16.31
C GLU A 32 14.62 -5.14 -16.35
N HIS A 33 14.40 -4.28 -15.36
CA HIS A 33 13.16 -3.53 -15.31
C HIS A 33 12.97 -2.78 -16.64
N PRO A 34 11.75 -2.83 -17.21
CA PRO A 34 11.60 -2.27 -18.56
C PRO A 34 11.59 -0.74 -18.62
N LEU A 35 11.17 -0.07 -17.56
CA LEU A 35 11.07 1.38 -17.61
C LEU A 35 12.27 2.07 -17.00
N PHE A 36 12.79 1.53 -15.90
CA PHE A 36 13.86 2.18 -15.18
C PHE A 36 15.07 1.29 -14.98
N VAL A 37 16.22 1.87 -14.83
CA VAL A 37 17.43 1.12 -14.64
C VAL A 37 17.37 0.46 -13.28
N GLY A 38 17.58 -0.84 -13.26
CA GLY A 38 17.33 -1.64 -12.07
C GLY A 38 16.81 -2.99 -12.48
N GLY A 39 16.96 -3.95 -11.58
CA GLY A 39 16.48 -5.29 -11.79
C GLY A 39 15.00 -5.44 -11.50
N MET A 40 14.52 -6.66 -11.74
CA MET A 40 13.15 -7.04 -11.45
C MET A 40 13.15 -8.54 -11.14
N CYS A 41 12.28 -8.96 -10.23
CA CYS A 41 12.05 -10.40 -10.03
C CYS A 41 10.80 -10.88 -10.79
N GLN A 42 10.65 -12.19 -10.93
CA GLN A 42 9.56 -12.76 -11.72
C GLN A 42 8.19 -12.50 -11.06
N ASN A 43 8.15 -12.53 -9.72
CA ASN A 43 6.93 -12.16 -9.00
C ASN A 43 6.44 -10.74 -9.30
N CYS A 44 7.36 -9.79 -9.32
CA CYS A 44 7.00 -8.42 -9.67
C CYS A 44 6.69 -8.24 -11.14
N LYS A 45 7.30 -9.04 -12.00
CA LYS A 45 6.91 -9.00 -13.40
C LYS A 45 5.46 -9.42 -13.54
N ASN A 46 5.04 -10.43 -12.80
CA ASN A 46 3.65 -10.85 -12.89
C ASN A 46 2.72 -9.75 -12.42
N CYS A 47 3.09 -9.09 -11.33
CA CYS A 47 2.24 -8.02 -10.82
C CYS A 47 2.14 -7.01 -11.89
N PHE A 48 3.29 -6.64 -12.43
CA PHE A 48 3.38 -5.58 -13.40
C PHE A 48 2.51 -5.90 -14.60
N LEU A 49 2.49 -7.18 -15.01
CA LEU A 49 1.66 -7.65 -16.12
C LEU A 49 0.18 -7.55 -15.78
N GLU A 50 -0.20 -8.02 -14.61
CA GLU A 50 -1.59 -7.90 -14.18
C GLU A 50 -2.01 -6.45 -13.90
N CYS A 51 -1.11 -5.63 -13.37
CA CYS A 51 -1.47 -4.25 -12.96
C CYS A 51 -1.58 -3.22 -14.10
N ALA A 52 -0.87 -3.46 -15.19
CA ALA A 52 -0.67 -2.48 -16.26
C ALA A 52 -1.97 -1.94 -16.87
N TYR A 53 -2.06 -0.61 -16.92
CA TYR A 53 -3.17 0.08 -17.57
C TYR A 53 -4.56 -0.28 -17.03
N GLN A 54 -4.64 -0.74 -15.76
CA GLN A 54 -5.90 -0.74 -15.02
C GLN A 54 -6.20 0.66 -14.50
N TYR A 55 -7.48 1.02 -14.46
CA TYR A 55 -7.87 2.39 -14.12
C TYR A 55 -8.90 2.48 -13.02
N ASP A 56 -8.83 3.58 -12.28
CA ASP A 56 -9.85 3.90 -11.29
C ASP A 56 -10.87 4.84 -11.89
N ASP A 57 -11.93 5.09 -11.16
CA ASP A 57 -13.02 5.90 -11.69
C ASP A 57 -12.69 7.40 -11.80
N ASP A 58 -11.53 7.81 -11.31
CA ASP A 58 -11.09 9.18 -11.51
C ASP A 58 -10.30 9.37 -12.82
N GLY A 59 -10.01 8.29 -13.52
CA GLY A 59 -9.30 8.41 -14.78
C GLY A 59 -7.79 8.23 -14.75
N TYR A 60 -7.23 7.88 -13.59
CA TYR A 60 -5.80 7.54 -13.51
C TYR A 60 -5.60 6.08 -13.23
N GLN A 61 -4.37 5.62 -13.36
CA GLN A 61 -4.07 4.21 -13.15
C GLN A 61 -4.25 3.77 -11.68
N SER A 62 -4.71 2.54 -11.50
CA SER A 62 -5.07 2.04 -10.18
C SER A 62 -3.86 1.78 -9.31
N TYR A 63 -2.74 1.42 -9.94
CA TYR A 63 -1.56 0.95 -9.22
C TYR A 63 -0.36 1.83 -9.53
N CYS A 64 0.51 2.01 -8.52
CA CYS A 64 1.78 2.68 -8.69
C CYS A 64 2.62 1.95 -9.72
N THR A 65 3.21 2.72 -10.64
CA THR A 65 4.03 2.15 -11.71
C THR A 65 5.19 1.30 -11.19
N ILE A 66 5.85 1.73 -10.12
CA ILE A 66 7.00 0.99 -9.56
C ILE A 66 6.63 -0.22 -8.72
N CYS A 67 5.80 -0.04 -7.69
CA CYS A 67 5.55 -1.11 -6.69
C CYS A 67 4.23 -1.90 -6.91
N CYS A 68 3.46 -1.54 -7.92
CA CYS A 68 2.16 -2.19 -8.19
C CYS A 68 1.25 -2.13 -6.98
N GLY A 69 1.41 -1.09 -6.16
CA GLY A 69 0.54 -0.88 -5.03
C GLY A 69 0.24 0.58 -4.86
N GLY A 70 0.55 1.11 -3.67
CA GLY A 70 0.57 2.54 -3.45
C GLY A 70 -0.51 3.00 -2.51
N ARG A 71 -0.12 3.83 -1.54
CA ARG A 71 -1.07 4.51 -0.68
C ARG A 71 -1.34 5.89 -1.28
N GLU A 72 -0.73 6.94 -0.73
CA GLU A 72 -0.74 8.25 -1.38
C GLU A 72 0.05 8.23 -2.70
N VAL A 73 -0.51 8.80 -3.76
CA VAL A 73 0.13 8.75 -5.09
C VAL A 73 0.21 10.12 -5.76
N LEU A 74 1.26 10.33 -6.56
CA LEU A 74 1.31 11.47 -7.49
C LEU A 74 0.66 11.02 -8.80
N MET A 75 -0.15 11.89 -9.40
CA MET A 75 -0.83 11.55 -10.65
C MET A 75 -0.35 12.40 -11.82
N CYS A 76 0.12 11.76 -12.88
CA CYS A 76 0.59 12.50 -14.05
C CYS A 76 -0.48 13.29 -14.82
N GLY A 77 -0.15 14.54 -15.11
CA GLY A 77 -1.08 15.51 -15.67
C GLY A 77 -1.14 15.60 -17.19
N ASN A 78 -0.95 14.48 -17.88
CA ASN A 78 -1.23 14.44 -19.31
C ASN A 78 -1.89 13.16 -19.82
N ASN A 79 -2.74 13.36 -20.80
CA ASN A 79 -3.73 12.40 -21.25
C ASN A 79 -3.17 11.19 -21.97
N ASN A 80 -1.89 11.22 -22.29
CA ASN A 80 -1.27 10.10 -22.99
C ASN A 80 -0.64 9.11 -22.02
N CYS A 81 -0.63 9.49 -20.74
CA CYS A 81 0.12 8.75 -19.72
C CYS A 81 -0.73 8.24 -18.56
N CYS A 82 -1.18 9.17 -17.72
CA CYS A 82 -2.09 8.89 -16.59
C CYS A 82 -1.54 7.90 -15.56
N ARG A 83 -0.22 7.85 -15.44
CA ARG A 83 0.45 6.96 -14.52
C ARG A 83 0.44 7.53 -13.10
N CYS A 84 0.52 6.66 -12.11
CA CYS A 84 0.61 7.10 -10.74
C CYS A 84 1.94 6.66 -10.18
N PHE A 85 2.48 7.46 -9.27
CA PHE A 85 3.69 7.08 -8.53
C PHE A 85 3.43 7.36 -7.06
N CYS A 86 3.57 6.34 -6.23
CA CYS A 86 3.27 6.54 -4.81
C CYS A 86 4.38 7.30 -4.05
N VAL A 87 3.99 7.85 -2.91
CA VAL A 87 4.87 8.67 -2.10
C VAL A 87 6.07 7.89 -1.56
N GLU A 88 5.84 6.67 -1.07
CA GLU A 88 6.95 5.85 -0.57
C GLU A 88 8.04 5.55 -1.62
N CYS A 89 7.64 5.18 -2.85
CA CYS A 89 8.61 4.90 -3.89
C CYS A 89 9.38 6.16 -4.29
N VAL A 90 8.69 7.28 -4.31
CA VAL A 90 9.32 8.51 -4.72
C VAL A 90 10.35 8.88 -3.67
N ASP A 91 9.94 8.80 -2.39
CA ASP A 91 10.86 9.10 -1.28
C ASP A 91 12.00 8.10 -1.22
N LEU A 92 11.72 6.84 -1.52
CA LEU A 92 12.77 5.83 -1.52
C LEU A 92 13.79 6.00 -2.63
N LEU A 93 13.31 6.26 -3.85
CA LEU A 93 14.12 6.12 -5.07
C LEU A 93 14.58 7.41 -5.71
N VAL A 94 13.86 8.50 -5.49
CA VAL A 94 14.43 9.82 -5.80
C VAL A 94 15.17 10.30 -4.56
N GLY A 95 14.44 10.53 -3.46
CA GLY A 95 15.06 10.80 -2.18
C GLY A 95 14.04 11.42 -1.26
N PRO A 96 14.29 11.37 0.06
CA PRO A 96 13.38 11.87 1.11
C PRO A 96 12.85 13.26 0.81
N GLY A 97 11.54 13.43 0.82
CA GLY A 97 10.94 14.74 0.63
C GLY A 97 10.67 15.17 -0.80
N ALA A 98 11.13 14.36 -1.76
CA ALA A 98 10.93 14.68 -3.16
C ALA A 98 9.44 14.67 -3.51
N ALA A 99 8.68 13.83 -2.82
CA ALA A 99 7.25 13.70 -3.02
C ALA A 99 6.52 14.96 -2.62
N GLN A 100 6.89 15.51 -1.47
CA GLN A 100 6.33 16.76 -0.97
C GLN A 100 6.57 17.92 -1.94
N ALA A 101 7.75 17.97 -2.52
CA ALA A 101 8.09 19.01 -3.49
C ALA A 101 7.34 18.82 -4.79
N ALA A 102 7.09 17.57 -5.17
CA ALA A 102 6.41 17.30 -6.43
C ALA A 102 4.91 17.63 -6.38
N ILE A 103 4.28 17.44 -5.22
CA ILE A 103 2.89 17.85 -5.00
C ILE A 103 2.74 19.37 -5.11
N LYS A 104 3.85 20.07 -4.96
CA LYS A 104 3.85 21.53 -5.02
C LYS A 104 4.16 22.03 -6.43
N GLU A 105 3.49 21.48 -7.44
CA GLU A 105 3.66 21.96 -8.82
C GLU A 105 2.61 21.47 -9.81
N ASP A 106 2.04 22.42 -10.57
CA ASP A 106 1.01 22.14 -11.56
C ASP A 106 1.46 22.67 -12.94
N PRO A 107 1.34 21.83 -13.98
CA PRO A 107 0.90 20.44 -13.89
C PRO A 107 2.06 19.52 -13.51
N TRP A 108 1.78 18.30 -13.07
CA TRP A 108 2.88 17.39 -12.77
C TRP A 108 3.16 16.38 -13.87
N ASN A 109 4.31 16.57 -14.52
CA ASN A 109 4.80 15.63 -15.53
C ASN A 109 5.60 14.57 -14.82
N CYS A 110 5.25 13.31 -15.06
CA CYS A 110 5.86 12.23 -14.30
C CYS A 110 7.21 11.84 -14.86
N TYR A 111 7.85 10.88 -14.20
CA TYR A 111 9.20 10.46 -14.49
C TYR A 111 9.37 9.83 -15.85
N MET A 112 8.26 9.36 -16.43
CA MET A 112 8.27 8.79 -17.78
C MET A 112 8.07 9.90 -18.80
N CYS A 113 7.50 11.02 -18.32
CA CYS A 113 7.13 12.12 -19.18
C CYS A 113 8.08 13.32 -19.17
N GLY A 114 8.86 13.46 -18.11
CA GLY A 114 9.77 14.60 -18.01
C GLY A 114 10.86 14.42 -19.04
N HIS A 115 11.51 15.53 -19.44
CA HIS A 115 12.53 15.43 -20.47
C HIS A 115 13.91 15.13 -19.90
N LYS A 116 14.11 15.43 -18.61
CA LYS A 116 15.35 15.12 -17.91
C LYS A 116 15.75 13.63 -17.91
N GLY A 117 14.80 12.75 -17.59
CA GLY A 117 15.10 11.32 -17.55
C GLY A 117 15.80 10.73 -16.32
N THR A 118 16.36 11.57 -15.46
CA THR A 118 17.03 11.10 -14.25
C THR A 118 16.59 11.91 -13.05
N TYR A 119 16.15 11.22 -12.02
CA TYR A 119 15.61 11.88 -10.84
C TYR A 119 16.06 11.06 -9.66
N GLY A 120 17.15 11.49 -9.03
CA GLY A 120 17.79 10.70 -7.99
C GLY A 120 18.29 9.37 -8.55
N LEU A 121 17.94 8.29 -7.85
CA LEU A 121 18.29 6.94 -8.33
C LEU A 121 17.35 6.48 -9.46
N LEU A 122 16.21 7.15 -9.62
CA LEU A 122 15.26 6.80 -10.69
C LEU A 122 15.77 7.19 -12.07
N ARG A 123 16.09 6.18 -12.87
CA ARG A 123 16.77 6.38 -14.15
C ARG A 123 15.98 5.80 -15.32
N ARG A 124 15.41 6.66 -16.17
CA ARG A 124 14.60 6.18 -17.28
C ARG A 124 15.44 5.56 -18.39
N ARG A 125 15.17 4.31 -18.72
CA ARG A 125 15.84 3.72 -19.88
C ARG A 125 15.45 4.44 -21.17
N GLU A 126 16.46 4.80 -21.95
CA GLU A 126 16.27 5.52 -23.20
C GLU A 126 15.44 4.73 -24.22
N ASP A 127 15.42 3.41 -24.09
CA ASP A 127 14.74 2.59 -25.06
C ASP A 127 13.52 1.94 -24.43
N TRP A 128 12.95 2.60 -23.43
CA TRP A 128 11.80 2.03 -22.72
C TRP A 128 10.58 1.65 -23.61
N PRO A 129 10.29 2.42 -24.68
CA PRO A 129 9.07 2.01 -25.41
C PRO A 129 9.20 0.64 -26.04
N SER A 130 10.38 0.36 -26.57
CA SER A 130 10.71 -0.93 -27.16
C SER A 130 10.81 -2.03 -26.10
N ARG A 131 11.40 -1.72 -24.95
CA ARG A 131 11.55 -2.74 -23.92
C ARG A 131 10.17 -3.09 -23.40
N LEU A 132 9.27 -2.11 -23.47
CA LEU A 132 7.91 -2.27 -22.97
C LEU A 132 7.04 -3.16 -23.88
N GLN A 133 7.20 -3.03 -25.20
CA GLN A 133 6.52 -3.93 -26.16
C GLN A 133 6.97 -5.37 -26.05
N MET A 134 8.27 -5.57 -25.89
CA MET A 134 8.85 -6.87 -25.63
C MET A 134 8.36 -7.49 -24.32
N PHE A 135 8.24 -6.63 -23.31
CA PHE A 135 7.89 -7.06 -21.97
C PHE A 135 6.51 -7.70 -21.96
N PHE A 136 5.59 -7.13 -22.73
CA PHE A 136 4.25 -7.69 -22.87
C PHE A 136 4.26 -8.78 -23.94
N ALA A 137 4.67 -9.98 -23.54
CA ALA A 137 4.79 -11.11 -24.44
C ALA A 137 3.43 -11.78 -24.68
N GLY B 1 -4.49 1.42 -3.27
CA GLY B 1 -4.81 0.77 -4.54
C GLY B 1 -6.30 0.55 -4.62
N PRO B 2 -6.75 -0.22 -5.62
CA PRO B 2 -8.19 -0.36 -5.86
C PRO B 2 -8.81 -1.46 -4.95
N LEU B 3 -8.83 -1.23 -3.64
CA LEU B 3 -9.29 -2.25 -2.70
C LEU B 3 -10.73 -2.69 -2.93
N GLY B 4 -11.63 -1.73 -3.15
CA GLY B 4 -13.04 -2.02 -3.34
C GLY B 4 -13.34 -3.11 -4.37
N SER B 5 -12.72 -3.02 -5.52
CA SER B 5 -13.01 -3.97 -6.59
C SER B 5 -12.24 -5.28 -6.37
N LEU B 6 -11.15 -5.22 -5.60
CA LEU B 6 -10.44 -6.45 -5.30
C LEU B 6 -11.28 -7.27 -4.31
N VAL B 7 -11.82 -6.59 -3.30
CA VAL B 7 -12.63 -7.23 -2.28
C VAL B 7 -13.92 -7.76 -2.89
N TYR B 8 -14.40 -7.05 -3.90
CA TYR B 8 -15.54 -7.52 -4.69
C TYR B 8 -15.23 -8.89 -5.27
N GLU B 9 -14.04 -9.04 -5.81
CA GLU B 9 -13.63 -10.32 -6.36
C GLU B 9 -13.42 -11.37 -5.29
N VAL B 10 -12.92 -10.98 -4.12
CA VAL B 10 -12.78 -11.90 -3.01
C VAL B 10 -14.16 -12.47 -2.63
N ARG B 11 -15.14 -11.57 -2.58
CA ARG B 11 -16.50 -11.91 -2.20
C ARG B 11 -17.16 -12.87 -3.23
N GLN B 12 -16.85 -12.67 -4.52
CA GLN B 12 -17.28 -13.54 -5.61
C GLN B 12 -16.53 -14.86 -5.60
N LYS B 13 -15.54 -14.95 -4.74
CA LYS B 13 -14.74 -16.16 -4.64
C LYS B 13 -13.88 -16.37 -5.88
N CYS B 14 -13.41 -15.29 -6.47
CA CYS B 14 -12.55 -15.43 -7.64
C CYS B 14 -11.20 -14.72 -7.44
N ARG B 15 -10.91 -14.41 -6.19
CA ARG B 15 -9.60 -13.98 -5.73
C ARG B 15 -9.45 -14.37 -4.24
N ASN B 16 -8.25 -14.73 -3.82
CA ASN B 16 -7.99 -15.07 -2.43
C ASN B 16 -7.63 -13.86 -1.62
N ILE B 17 -8.32 -13.63 -0.50
CA ILE B 17 -8.04 -12.48 0.38
C ILE B 17 -6.59 -12.44 0.84
N GLU B 18 -5.97 -13.61 0.91
CA GLU B 18 -4.59 -13.64 1.36
C GLU B 18 -3.58 -13.22 0.26
N ASP B 19 -4.06 -13.02 -0.96
CA ASP B 19 -3.24 -12.61 -2.11
C ASP B 19 -3.41 -11.12 -2.46
N ILE B 20 -4.12 -10.36 -1.62
CA ILE B 20 -4.12 -8.90 -1.78
C ILE B 20 -3.67 -8.24 -0.48
N CYS B 21 -3.15 -7.03 -0.59
CA CYS B 21 -2.89 -6.26 0.60
C CYS B 21 -4.19 -5.63 1.07
N ILE B 22 -4.69 -6.08 2.22
CA ILE B 22 -5.95 -5.58 2.73
C ILE B 22 -5.80 -4.19 3.36
N SER B 23 -4.58 -3.66 3.41
CA SER B 23 -4.34 -2.31 3.92
C SER B 23 -4.41 -1.23 2.84
N CYS B 24 -4.09 -1.57 1.60
CA CYS B 24 -4.11 -0.55 0.55
C CYS B 24 -4.60 -1.06 -0.81
N GLY B 25 -4.64 -2.38 -1.00
CA GLY B 25 -5.13 -2.92 -2.26
C GLY B 25 -4.04 -3.26 -3.25
N SER B 26 -2.80 -3.19 -2.78
CA SER B 26 -1.64 -3.56 -3.58
C SER B 26 -1.66 -5.05 -3.93
N LEU B 27 -1.17 -5.38 -5.12
CA LEU B 27 -1.03 -6.78 -5.53
C LEU B 27 0.36 -7.34 -5.23
N ASN B 28 1.20 -6.49 -4.70
CA ASN B 28 2.57 -6.88 -4.44
C ASN B 28 2.67 -7.32 -3.00
N VAL B 29 2.00 -8.44 -2.71
CA VAL B 29 1.94 -9.03 -1.38
C VAL B 29 3.22 -9.81 -1.08
N THR B 30 4.04 -9.30 -0.16
CA THR B 30 5.26 -10.00 0.24
C THR B 30 5.19 -10.48 1.69
N LEU B 31 4.10 -10.19 2.36
CA LEU B 31 3.94 -10.62 3.75
C LEU B 31 2.47 -10.79 4.16
N GLU B 32 2.26 -11.01 5.46
CA GLU B 32 0.94 -11.22 6.01
C GLU B 32 0.54 -10.11 6.99
N HIS B 33 -0.72 -9.67 6.93
CA HIS B 33 -1.22 -8.77 7.94
C HIS B 33 -1.17 -9.49 9.28
N PRO B 34 -0.63 -8.82 10.33
CA PRO B 34 -0.38 -9.59 11.55
C PRO B 34 -1.64 -9.79 12.38
N LEU B 35 -2.68 -9.01 12.11
CA LEU B 35 -3.91 -9.11 12.91
C LEU B 35 -5.00 -9.93 12.23
N PHE B 36 -5.12 -9.81 10.90
CA PHE B 36 -6.21 -10.44 10.19
C PHE B 36 -5.71 -11.25 9.02
N VAL B 37 -6.49 -12.22 8.63
CA VAL B 37 -6.18 -13.01 7.46
C VAL B 37 -6.19 -12.10 6.23
N GLY B 38 -5.18 -12.19 5.42
CA GLY B 38 -5.02 -11.25 4.32
C GLY B 38 -3.55 -10.90 4.12
N GLY B 39 -3.20 -10.43 2.92
CA GLY B 39 -1.82 -10.11 2.64
C GLY B 39 -1.46 -8.69 3.05
N MET B 40 -0.19 -8.36 2.92
CA MET B 40 0.28 -7.01 3.19
C MET B 40 1.50 -6.71 2.33
N CYS B 41 1.61 -5.49 1.83
CA CYS B 41 2.79 -5.10 1.07
C CYS B 41 3.81 -4.43 2.00
N GLN B 42 5.03 -4.25 1.52
CA GLN B 42 6.08 -3.62 2.35
C GLN B 42 5.81 -2.13 2.70
N ASN B 43 5.20 -1.39 1.77
CA ASN B 43 4.83 -0.01 2.06
C ASN B 43 3.93 0.10 3.27
N CYS B 44 2.89 -0.73 3.28
CA CYS B 44 1.96 -0.71 4.39
C CYS B 44 2.62 -1.12 5.69
N LYS B 45 3.50 -2.13 5.66
CA LYS B 45 4.26 -2.47 6.86
C LYS B 45 5.12 -1.29 7.38
N ASN B 46 5.81 -0.60 6.47
CA ASN B 46 6.59 0.56 6.88
C ASN B 46 5.73 1.64 7.50
N CYS B 47 4.49 1.82 7.03
CA CYS B 47 3.58 2.80 7.63
C CYS B 47 3.10 2.39 9.02
N PHE B 48 2.72 1.13 9.16
CA PHE B 48 2.30 0.61 10.45
C PHE B 48 3.42 0.81 11.47
N LEU B 49 4.62 0.38 11.10
CA LEU B 49 5.79 0.50 11.96
C LEU B 49 6.07 1.95 12.29
N GLU B 50 5.58 2.85 11.47
CA GLU B 50 5.85 4.27 11.65
C GLU B 50 4.77 4.95 12.48
N CYS B 51 3.52 4.59 12.24
CA CYS B 51 2.41 5.21 12.97
C CYS B 51 1.94 4.24 14.04
N ALA B 52 2.88 3.41 14.48
CA ALA B 52 2.65 2.41 15.52
C ALA B 52 2.25 3.03 16.85
N TYR B 53 0.96 2.94 17.17
CA TYR B 53 0.48 3.41 18.45
C TYR B 53 0.68 4.90 18.66
N GLN B 54 0.52 5.66 17.60
CA GLN B 54 0.39 7.10 17.78
C GLN B 54 -1.02 7.41 18.28
N TYR B 55 -1.11 8.41 19.17
CA TYR B 55 -2.35 8.71 19.86
C TYR B 55 -2.72 10.17 19.67
N ASP B 56 -4.03 10.40 19.52
CA ASP B 56 -4.58 11.75 19.47
C ASP B 56 -4.87 12.25 20.88
N ASP B 57 -5.18 13.54 20.98
CA ASP B 57 -5.41 14.17 22.27
C ASP B 57 -6.74 13.78 22.91
N ASP B 58 -7.45 12.84 22.28
CA ASP B 58 -8.66 12.29 22.87
C ASP B 58 -8.40 10.96 23.61
N GLY B 59 -7.17 10.47 23.51
CA GLY B 59 -6.75 9.24 24.19
C GLY B 59 -6.88 8.00 23.32
N TYR B 60 -7.21 8.22 22.04
CA TYR B 60 -7.37 7.11 21.10
C TYR B 60 -6.33 7.09 20.01
N GLN B 61 -6.14 5.92 19.41
CA GLN B 61 -5.19 5.75 18.31
C GLN B 61 -5.58 6.64 17.14
N SER B 62 -4.57 7.25 16.50
CA SER B 62 -4.82 8.24 15.45
C SER B 62 -5.35 7.60 14.19
N TYR B 63 -4.89 6.39 13.92
CA TYR B 63 -5.12 5.74 12.65
C TYR B 63 -5.89 4.43 12.77
N CYS B 64 -6.41 3.97 11.63
CA CYS B 64 -7.21 2.76 11.58
C CYS B 64 -6.33 1.55 11.80
N THR B 65 -6.81 0.59 12.58
CA THR B 65 -6.07 -0.65 12.87
C THR B 65 -5.84 -1.50 11.62
N ILE B 66 -6.76 -1.44 10.67
CA ILE B 66 -6.64 -2.19 9.43
C ILE B 66 -5.75 -1.52 8.37
N CYS B 67 -6.01 -0.27 8.02
CA CYS B 67 -5.30 0.36 6.91
C CYS B 67 -4.27 1.38 7.35
N CYS B 68 -4.13 1.58 8.65
CA CYS B 68 -3.27 2.64 9.18
C CYS B 68 -3.54 4.04 8.62
N GLY B 69 -4.78 4.32 8.26
CA GLY B 69 -5.17 5.66 7.84
C GLY B 69 -6.57 5.97 8.34
N GLY B 70 -7.44 6.40 7.42
CA GLY B 70 -8.87 6.54 7.68
C GLY B 70 -9.31 7.97 7.90
N ARG B 71 -10.52 8.30 7.46
CA ARG B 71 -11.10 9.64 7.64
C ARG B 71 -12.02 9.64 8.87
N GLU B 72 -13.19 9.02 8.76
CA GLU B 72 -14.04 8.83 9.93
C GLU B 72 -13.89 7.42 10.48
N VAL B 73 -13.69 7.31 11.80
CA VAL B 73 -13.38 6.02 12.41
C VAL B 73 -14.34 5.68 13.54
N LEU B 74 -14.44 4.39 13.86
CA LEU B 74 -15.14 3.90 15.05
C LEU B 74 -14.10 3.66 16.14
N MET B 75 -14.47 3.94 17.38
CA MET B 75 -13.54 3.78 18.50
C MET B 75 -14.02 2.70 19.42
N CYS B 76 -13.09 1.91 19.93
CA CYS B 76 -13.48 0.82 20.79
C CYS B 76 -13.67 1.33 22.21
N GLY B 77 -14.65 0.77 22.92
CA GLY B 77 -14.84 1.10 24.31
C GLY B 77 -14.39 0.01 25.26
N ASN B 78 -13.12 -0.36 25.23
CA ASN B 78 -12.63 -1.46 26.06
C ASN B 78 -11.33 -1.18 26.83
N ASN B 79 -11.22 0.01 27.41
CA ASN B 79 -10.10 0.39 28.30
C ASN B 79 -8.70 0.22 27.72
N ASN B 80 -8.09 -0.94 27.98
CA ASN B 80 -6.73 -1.19 27.55
C ASN B 80 -6.57 -1.31 26.04
N CYS B 81 -7.62 -0.98 25.29
CA CYS B 81 -7.59 -1.16 23.83
C CYS B 81 -7.36 0.13 23.04
N CYS B 82 -8.36 1.02 23.04
CA CYS B 82 -8.26 2.35 22.41
C CYS B 82 -8.00 2.35 20.91
N ARG B 83 -8.39 1.27 20.23
CA ARG B 83 -8.14 1.14 18.81
C ARG B 83 -9.20 1.84 17.96
N CYS B 84 -8.85 2.16 16.72
CA CYS B 84 -9.82 2.74 15.79
C CYS B 84 -9.96 1.93 14.49
N PHE B 85 -11.19 1.91 13.97
CA PHE B 85 -11.49 1.26 12.71
C PHE B 85 -12.25 2.24 11.84
N CYS B 86 -11.72 2.58 10.67
CA CYS B 86 -12.43 3.54 9.82
C CYS B 86 -13.65 2.92 9.14
N VAL B 87 -14.66 3.76 8.91
CA VAL B 87 -15.91 3.33 8.32
C VAL B 87 -15.69 2.74 6.92
N GLU B 88 -14.64 3.15 6.24
CA GLU B 88 -14.38 2.63 4.91
C GLU B 88 -13.93 1.18 4.97
N CYS B 89 -12.97 0.87 5.84
CA CYS B 89 -12.56 -0.52 6.04
C CYS B 89 -13.70 -1.43 6.52
N VAL B 90 -14.50 -0.93 7.46
CA VAL B 90 -15.59 -1.71 8.03
C VAL B 90 -16.61 -2.08 6.95
N ASP B 91 -17.12 -1.07 6.26
CA ASP B 91 -18.04 -1.27 5.14
C ASP B 91 -17.48 -2.13 3.98
N LEU B 92 -16.18 -2.12 3.81
CA LEU B 92 -15.59 -2.88 2.72
C LEU B 92 -15.30 -4.31 3.16
N LEU B 93 -14.63 -4.44 4.29
CA LEU B 93 -14.21 -5.75 4.76
C LEU B 93 -15.26 -6.49 5.57
N VAL B 94 -15.95 -5.80 6.48
CA VAL B 94 -17.06 -6.46 7.15
C VAL B 94 -18.27 -6.54 6.21
N GLY B 95 -18.80 -5.39 5.80
CA GLY B 95 -19.85 -5.35 4.80
C GLY B 95 -20.67 -4.06 4.88
N PRO B 96 -21.26 -3.63 3.75
CA PRO B 96 -22.03 -2.38 3.64
C PRO B 96 -23.05 -2.24 4.74
N GLY B 97 -22.90 -1.20 5.56
CA GLY B 97 -23.85 -0.92 6.61
C GLY B 97 -23.39 -1.34 7.99
N ALA B 98 -22.33 -2.16 8.03
CA ALA B 98 -21.87 -2.71 9.30
C ALA B 98 -21.34 -1.61 10.21
N ALA B 99 -20.78 -0.57 9.61
CA ALA B 99 -20.24 0.56 10.35
C ALA B 99 -21.37 1.26 11.09
N GLN B 100 -22.44 1.62 10.36
CA GLN B 100 -23.61 2.23 10.98
C GLN B 100 -24.27 1.29 12.00
N ALA B 101 -24.25 -0.02 11.75
CA ALA B 101 -24.77 -0.95 12.73
C ALA B 101 -23.94 -0.87 14.01
N ALA B 102 -22.62 -0.78 13.85
CA ALA B 102 -21.71 -0.74 14.99
C ALA B 102 -21.76 0.61 15.76
N ILE B 103 -21.93 1.71 15.03
CA ILE B 103 -22.15 3.03 15.64
C ILE B 103 -23.41 3.03 16.50
N LYS B 104 -24.47 2.36 16.04
CA LYS B 104 -25.73 2.24 16.79
C LYS B 104 -25.56 1.32 18.00
N GLU B 105 -24.70 0.32 17.86
CA GLU B 105 -24.40 -0.59 18.96
C GLU B 105 -23.81 0.20 20.12
N ASP B 106 -24.39 0.02 21.31
CA ASP B 106 -23.97 0.79 22.47
C ASP B 106 -23.85 -0.08 23.74
N PRO B 107 -22.62 -0.20 24.29
CA PRO B 107 -21.35 0.32 23.79
C PRO B 107 -20.86 -0.51 22.60
N TRP B 108 -19.56 -0.50 22.35
CA TRP B 108 -19.05 -1.32 21.25
C TRP B 108 -17.67 -1.89 21.53
N ASN B 109 -17.59 -3.21 21.45
CA ASN B 109 -16.32 -3.92 21.50
C ASN B 109 -15.79 -4.09 20.09
N CYS B 110 -14.55 -3.69 19.86
CA CYS B 110 -14.03 -3.68 18.51
C CYS B 110 -13.61 -5.07 18.08
N TYR B 111 -13.35 -5.25 16.79
CA TYR B 111 -13.04 -6.54 16.21
C TYR B 111 -11.76 -7.16 16.75
N MET B 112 -11.02 -6.39 17.53
CA MET B 112 -9.80 -6.91 18.14
C MET B 112 -10.12 -7.54 19.49
N CYS B 113 -11.24 -7.12 20.08
CA CYS B 113 -11.62 -7.46 21.43
C CYS B 113 -12.80 -8.44 21.50
N GLY B 114 -13.60 -8.46 20.44
CA GLY B 114 -14.76 -9.34 20.37
C GLY B 114 -14.39 -10.79 20.62
N HIS B 115 -15.39 -11.58 20.96
CA HIS B 115 -15.18 -12.97 21.27
C HIS B 115 -15.21 -13.71 19.96
N LYS B 116 -16.06 -13.23 19.06
CA LYS B 116 -16.39 -13.93 17.83
C LYS B 116 -15.21 -14.20 16.89
N GLY B 117 -14.32 -13.23 16.69
CA GLY B 117 -13.17 -13.44 15.82
C GLY B 117 -13.38 -13.33 14.31
N THR B 118 -14.59 -13.58 13.83
CA THR B 118 -14.90 -13.41 12.41
C THR B 118 -16.10 -12.47 12.18
N TYR B 119 -15.95 -11.55 11.23
CA TYR B 119 -16.93 -10.50 10.99
C TYR B 119 -16.90 -10.22 9.50
N GLY B 120 -17.86 -10.78 8.78
CA GLY B 120 -17.83 -10.76 7.33
C GLY B 120 -16.55 -11.38 6.82
N LEU B 121 -15.79 -10.59 6.07
CA LEU B 121 -14.52 -11.04 5.47
C LEU B 121 -13.34 -10.78 6.38
N LEU B 122 -13.59 -10.02 7.44
CA LEU B 122 -12.55 -9.63 8.39
C LEU B 122 -12.37 -10.76 9.39
N ARG B 123 -11.26 -11.48 9.31
CA ARG B 123 -11.05 -12.65 10.15
C ARG B 123 -9.84 -12.48 11.08
N ARG B 124 -10.06 -12.46 12.40
CA ARG B 124 -8.94 -12.29 13.33
C ARG B 124 -8.08 -13.54 13.41
N ARG B 125 -6.76 -13.34 13.40
CA ARG B 125 -5.84 -14.44 13.53
C ARG B 125 -5.81 -14.94 14.99
N GLU B 126 -5.92 -16.25 15.14
CA GLU B 126 -5.79 -16.90 16.44
C GLU B 126 -4.45 -16.56 17.11
N ASP B 127 -3.40 -16.44 16.32
CA ASP B 127 -2.07 -16.14 16.85
C ASP B 127 -1.66 -14.68 16.64
N TRP B 128 -2.62 -13.76 16.60
CA TRP B 128 -2.27 -12.36 16.43
C TRP B 128 -1.28 -11.83 17.46
N PRO B 129 -1.43 -12.19 18.75
CA PRO B 129 -0.49 -11.57 19.72
C PRO B 129 0.98 -11.92 19.47
N SER B 130 1.27 -13.17 19.14
CA SER B 130 2.63 -13.57 18.74
C SER B 130 3.09 -12.87 17.48
N ARG B 131 2.22 -12.86 16.47
CA ARG B 131 2.51 -12.24 15.18
C ARG B 131 2.76 -10.75 15.32
N LEU B 132 2.02 -10.12 16.24
CA LEU B 132 2.10 -8.68 16.42
C LEU B 132 3.42 -8.26 17.03
N GLN B 133 3.83 -8.92 18.10
CA GLN B 133 5.09 -8.55 18.73
C GLN B 133 6.24 -8.80 17.76
N MET B 134 6.10 -9.85 16.96
CA MET B 134 7.11 -10.22 15.99
C MET B 134 7.19 -9.18 14.86
N PHE B 135 6.04 -8.59 14.57
CA PHE B 135 5.92 -7.55 13.55
C PHE B 135 6.80 -6.35 13.89
N PHE B 136 6.88 -6.00 15.18
CA PHE B 136 7.61 -4.81 15.67
C PHE B 136 9.06 -5.03 16.09
N ALA B 137 9.83 -5.73 15.26
CA ALA B 137 11.27 -5.95 15.40
C ALA B 137 11.68 -7.14 14.53
N ALA C 1 -20.90 2.56 19.33
CA ALA C 1 -19.52 2.99 19.17
C ALA C 1 -19.44 4.48 18.89
N ARG C 2 -18.67 5.21 19.68
CA ARG C 2 -18.49 6.63 19.36
C ARG C 2 -17.59 6.78 18.13
N THR C 3 -17.74 7.88 17.41
CA THR C 3 -16.90 8.14 16.24
C THR C 3 -16.08 9.42 16.36
N LYS C 4 -15.04 9.51 15.54
CA LYS C 4 -14.31 10.77 15.36
C LYS C 4 -13.84 10.87 13.91
N GLN C 5 -13.44 12.07 13.49
CA GLN C 5 -12.72 12.23 12.23
C GLN C 5 -11.24 12.24 12.57
N THR C 6 -10.40 11.90 11.61
CA THR C 6 -8.98 11.77 11.89
C THR C 6 -8.24 13.08 11.59
N ALA C 7 -6.92 13.02 11.64
CA ALA C 7 -6.10 14.15 11.22
C ALA C 7 -5.33 13.81 9.95
N ARG C 8 -6.02 13.76 8.80
CA ARG C 8 -5.39 13.47 7.51
C ARG C 8 -4.26 14.46 7.18
#